data_5BTH
#
_entry.id   5BTH
#
_cell.length_a   85.187
_cell.length_b   98.793
_cell.length_c   115.557
_cell.angle_alpha   90.00
_cell.angle_beta   90.00
_cell.angle_gamma   90.00
#
_symmetry.space_group_name_H-M   'C 2 2 21'
#
loop_
_entity.id
_entity.type
_entity.pdbx_description
1 polymer 'Decapping nuclease RAI1'
2 water water
#
_entity_poly.entity_id   1
_entity_poly.type   'polypeptide(L)'
_entity_poly.pdbx_seq_one_letter_code
;MAKSLPLNSRSKTTALKQPRELFSYARDIDGKYVYDDPENSLSYYYLPDSTIDTGIDLQGGYSKFKKIPDEQNLADFNSL
LKAIIKYETSEGKKISSDIITFREIMTKILSLPYNLTDPIDLYVVPFDGQLFIKSDDELDMKRRKEQEVRMKQTNTVERY
DYMKRCEYVGYKFETIATIPKPWSQVSRSQIENRNKKVVNNYEQYLSVIRTGIGNVKLVLAGEIDCCWDYLPDEQNKKLN
HYVELKTSRIIENNSQVVSFEQKLFKAWCQCFLMGVTKIIYGFRDNNLILKNVELFNTEEIPILIKNNPLTNAATEKKIN
CTNALKWYGAVVDWLNTTVDKKDEIKSYRLKYDPVRKSFTLSETDSETNEKLRNGQLLTPEFTEWRQSLKK
;
_entity_poly.pdbx_strand_id   A
#
# COMPACT_ATOMS: atom_id res chain seq x y z
N MET A 1 22.02 -0.79 -20.58
CA MET A 1 21.34 0.12 -21.54
C MET A 1 19.82 -0.03 -21.46
N ALA A 2 19.10 1.03 -21.81
CA ALA A 2 17.70 1.14 -21.46
C ALA A 2 16.77 1.57 -22.58
N LYS A 3 15.53 1.11 -22.42
CA LYS A 3 14.36 1.69 -23.08
C LYS A 3 13.78 2.73 -22.09
N SER A 4 13.15 3.79 -22.58
CA SER A 4 12.56 4.79 -21.67
C SER A 4 11.22 5.32 -22.15
N LEU A 5 10.37 5.70 -21.21
CA LEU A 5 9.02 6.10 -21.54
C LEU A 5 8.95 7.58 -21.25
N PRO A 6 8.57 8.38 -22.27
CA PRO A 6 8.45 9.81 -22.02
C PRO A 6 7.47 10.07 -20.86
N LEU A 7 7.91 10.83 -19.86
CA LEU A 7 7.07 11.01 -18.68
C LEU A 7 5.75 11.68 -19.05
N ASN A 8 5.63 12.15 -20.29
CA ASN A 8 4.37 12.70 -20.76
C ASN A 8 3.45 11.68 -21.41
N SER A 9 3.85 10.41 -21.42
CA SER A 9 2.96 9.33 -21.86
C SER A 9 1.67 9.28 -21.06
N ARG A 10 0.56 9.23 -21.80
CA ARG A 10 -0.77 9.07 -21.23
C ARG A 10 -1.55 8.14 -22.15
N SER A 11 -2.07 7.04 -21.60
CA SER A 11 -3.06 6.22 -22.32
C SER A 11 -4.20 7.11 -22.66
N LYS A 12 -4.94 6.79 -23.71
CA LYS A 12 -6.25 7.42 -23.91
C LYS A 12 -7.30 6.55 -23.24
N THR A 13 -7.33 5.28 -23.64
CA THR A 13 -8.07 4.26 -22.92
C THR A 13 -7.91 4.40 -21.40
N THR A 14 -9.02 4.19 -20.69
CA THR A 14 -9.00 3.81 -19.27
C THR A 14 -10.31 3.05 -19.02
N ALA A 15 -10.56 2.02 -19.81
CA ALA A 15 -11.50 1.00 -19.42
C ALA A 15 -11.00 0.54 -18.03
N LEU A 16 -11.90 0.38 -17.06
CA LEU A 16 -11.48 0.06 -15.67
C LEU A 16 -12.03 -1.25 -15.10
N LYS A 17 -11.14 -2.18 -14.79
CA LYS A 17 -11.58 -3.45 -14.19
C LYS A 17 -11.89 -3.30 -12.72
N GLN A 18 -12.97 -3.98 -12.32
CA GLN A 18 -13.48 -3.90 -10.97
C GLN A 18 -12.62 -4.80 -10.10
N PRO A 19 -11.97 -4.22 -9.08
CA PRO A 19 -11.10 -5.06 -8.25
C PRO A 19 -11.89 -6.17 -7.53
N ARG A 20 -11.26 -7.32 -7.24
CA ARG A 20 -11.93 -8.41 -6.49
C ARG A 20 -10.90 -9.09 -5.66
N GLU A 21 -11.23 -9.33 -4.40
CA GLU A 21 -10.36 -10.15 -3.50
C GLU A 21 -10.33 -11.61 -3.87
N LEU A 22 -9.14 -12.18 -3.95
CA LEU A 22 -8.95 -13.59 -4.21
C LEU A 22 -8.80 -14.38 -2.94
N PHE A 23 -7.97 -13.86 -2.07
CA PHE A 23 -7.76 -14.45 -0.75
C PHE A 23 -7.08 -13.43 0.13
N SER A 24 -6.83 -13.83 1.37
CA SER A 24 -6.06 -13.01 2.25
C SER A 24 -5.17 -13.89 3.09
N TYR A 25 -4.22 -13.28 3.77
CA TYR A 25 -3.39 -13.97 4.74
C TYR A 25 -3.03 -12.91 5.77
N ALA A 26 -2.18 -13.22 6.72
CA ALA A 26 -1.94 -12.34 7.79
C ALA A 26 -0.53 -12.48 8.32
N ARG A 27 -0.12 -11.47 9.10
CA ARG A 27 1.09 -11.55 9.93
C ARG A 27 0.70 -11.38 11.41
N ASP A 28 1.37 -12.08 12.32
CA ASP A 28 0.95 -12.07 13.73
C ASP A 28 1.84 -11.20 14.59
N ILE A 29 1.56 -11.22 15.90
CA ILE A 29 2.25 -10.38 16.87
C ILE A 29 3.79 -10.56 16.90
N ASP A 30 4.30 -11.65 16.32
CA ASP A 30 5.76 -11.94 16.34
C ASP A 30 6.42 -11.86 15.00
N GLY A 31 5.68 -11.55 13.95
CA GLY A 31 6.24 -11.38 12.60
C GLY A 31 5.96 -12.53 11.65
N LYS A 32 5.26 -13.55 12.12
CA LYS A 32 5.05 -14.82 11.44
C LYS A 32 3.76 -14.83 10.65
N TYR A 33 3.81 -15.40 9.45
CA TYR A 33 2.65 -15.40 8.60
C TYR A 33 1.64 -16.50 8.97
N VAL A 34 0.44 -16.41 8.36
CA VAL A 34 -0.72 -17.14 8.80
C VAL A 34 -1.57 -17.29 7.57
N TYR A 35 -1.78 -18.51 7.15
CA TYR A 35 -2.46 -18.72 5.89
C TYR A 35 -3.85 -19.28 6.09
N ASP A 36 -4.11 -19.83 7.29
CA ASP A 36 -5.40 -20.47 7.58
C ASP A 36 -6.22 -19.63 8.52
N ASP A 37 -7.46 -19.36 8.13
CA ASP A 37 -8.34 -18.45 8.87
C ASP A 37 -7.67 -17.10 9.12
N PRO A 38 -7.27 -16.41 8.04
CA PRO A 38 -6.73 -15.06 8.23
C PRO A 38 -7.82 -14.07 8.72
N GLU A 39 -9.07 -14.28 8.32
CA GLU A 39 -10.22 -13.54 8.84
C GLU A 39 -10.22 -13.36 10.34
N ASN A 40 -9.75 -14.36 11.09
CA ASN A 40 -9.60 -14.16 12.56
C ASN A 40 -8.76 -12.92 12.86
N SER A 41 -7.84 -12.55 11.98
CA SER A 41 -7.01 -11.33 12.15
C SER A 41 -7.61 -10.00 11.71
N LEU A 42 -8.84 -9.99 11.26
CA LEU A 42 -9.42 -8.76 10.72
C LEU A 42 -10.16 -7.99 11.81
N SER A 43 -9.68 -6.80 12.15
CA SER A 43 -10.42 -5.97 13.10
C SER A 43 -11.54 -5.16 12.37
N TYR A 44 -12.34 -4.43 13.13
CA TYR A 44 -13.59 -3.87 12.78
C TYR A 44 -13.51 -2.51 13.41
N TYR A 45 -13.95 -1.53 12.66
CA TYR A 45 -13.88 -0.16 13.02
C TYR A 45 -14.91 0.12 14.09
N TYR A 46 -14.51 0.85 15.14
CA TYR A 46 -15.49 1.23 16.12
C TYR A 46 -15.08 2.47 16.85
N LEU A 47 -15.63 3.64 16.44
CA LEU A 47 -15.20 4.88 17.11
C LEU A 47 -16.28 5.94 17.05
N PRO A 48 -17.18 5.87 18.03
CA PRO A 48 -18.36 6.73 18.08
C PRO A 48 -17.97 8.15 18.38
N ASP A 49 -18.73 9.10 17.79
CA ASP A 49 -18.50 10.54 17.97
C ASP A 49 -18.43 10.86 19.41
N SER A 50 -19.31 10.23 20.19
CA SER A 50 -19.34 10.45 21.63
C SER A 50 -17.98 10.20 22.23
N THR A 51 -17.31 9.11 21.85
CA THR A 51 -15.94 8.80 22.37
C THR A 51 -14.85 9.74 21.85
N ILE A 52 -15.01 10.23 20.64
CA ILE A 52 -14.02 11.12 20.10
C ILE A 52 -14.03 12.34 21.00
N ASP A 53 -15.23 12.76 21.42
CA ASP A 53 -15.40 13.92 22.30
C ASP A 53 -14.65 13.79 23.60
N THR A 54 -14.35 12.58 24.08
CA THR A 54 -13.44 12.47 25.24
C THR A 54 -12.03 13.03 25.05
N GLY A 55 -11.57 13.32 23.82
CA GLY A 55 -10.19 13.81 23.60
C GLY A 55 -9.09 12.75 23.83
N ILE A 56 -9.07 11.73 22.96
CA ILE A 56 -8.12 10.62 23.06
C ILE A 56 -6.69 11.07 22.79
N ASP A 57 -5.76 10.66 23.64
CA ASP A 57 -4.39 11.07 23.49
C ASP A 57 -3.66 10.03 22.63
N LEU A 58 -3.33 10.42 21.41
CA LEU A 58 -2.67 9.51 20.48
C LEU A 58 -1.17 9.31 20.74
N GLN A 59 -0.63 9.81 21.84
CA GLN A 59 0.71 9.41 22.21
C GLN A 59 0.81 8.58 23.46
N GLY A 60 -0.29 8.42 24.18
CA GLY A 60 -0.40 7.42 25.25
C GLY A 60 0.21 6.12 24.81
N GLY A 61 1.20 5.69 25.60
CA GLY A 61 1.77 4.41 25.38
C GLY A 61 3.01 4.47 24.52
N TYR A 62 3.38 5.66 24.04
CA TYR A 62 4.54 5.74 23.15
C TYR A 62 5.64 4.80 23.69
N SER A 63 6.03 5.01 24.94
CA SER A 63 7.21 4.29 25.53
C SER A 63 7.14 2.76 25.33
N LYS A 64 5.95 2.20 25.43
CA LYS A 64 5.79 0.76 25.29
C LYS A 64 5.51 0.30 23.88
N PHE A 65 5.86 1.11 22.89
CA PHE A 65 5.48 0.81 21.52
C PHE A 65 6.24 -0.38 20.99
N LYS A 66 5.52 -1.38 20.50
CA LYS A 66 6.16 -2.59 20.03
C LYS A 66 6.26 -2.57 18.51
N LYS A 67 7.47 -2.26 18.06
CA LYS A 67 7.76 -1.79 16.74
C LYS A 67 8.66 -2.74 16.03
N ILE A 68 8.26 -3.12 14.82
CA ILE A 68 9.03 -4.06 14.01
C ILE A 68 10.21 -3.35 13.41
N PRO A 69 11.42 -3.92 13.54
CA PRO A 69 12.55 -3.23 12.94
C PRO A 69 12.31 -3.18 11.43
N ASP A 70 12.79 -2.12 10.80
CA ASP A 70 12.49 -1.85 9.38
C ASP A 70 12.84 -3.01 8.43
N GLU A 71 14.01 -3.62 8.63
CA GLU A 71 14.51 -4.69 7.74
C GLU A 71 13.60 -5.91 7.73
N GLN A 72 12.89 -6.08 8.83
CA GLN A 72 11.98 -7.21 8.95
C GLN A 72 10.65 -6.91 8.27
N ASN A 73 10.46 -5.66 7.88
CA ASN A 73 9.15 -5.18 7.51
C ASN A 73 9.06 -4.79 6.09
N LEU A 74 9.98 -5.26 5.27
CA LEU A 74 9.89 -5.03 3.84
C LEU A 74 8.85 -5.97 3.27
N ALA A 75 8.09 -5.49 2.30
CA ALA A 75 7.09 -6.29 1.66
C ALA A 75 7.72 -7.58 1.21
N ASP A 76 7.16 -8.69 1.68
CA ASP A 76 7.78 -10.01 1.60
C ASP A 76 7.18 -10.93 0.49
N PHE A 77 7.94 -11.18 -0.56
CA PHE A 77 7.44 -12.02 -1.68
C PHE A 77 7.35 -13.52 -1.33
N ASN A 78 8.13 -13.92 -0.35
CA ASN A 78 8.18 -15.29 0.06
C ASN A 78 6.82 -15.74 0.58
N SER A 79 6.33 -15.04 1.60
CA SER A 79 5.07 -15.42 2.26
C SER A 79 3.94 -15.28 1.24
N LEU A 80 4.04 -14.30 0.37
CA LEU A 80 2.97 -14.05 -0.59
C LEU A 80 2.86 -15.16 -1.62
N LEU A 81 4.00 -15.63 -2.10
CA LEU A 81 4.00 -16.78 -3.02
C LEU A 81 3.48 -17.99 -2.30
N LYS A 82 3.96 -18.15 -1.07
CA LYS A 82 3.57 -19.26 -0.19
C LYS A 82 2.09 -19.28 0.04
N ALA A 83 1.57 -18.08 0.23
CA ALA A 83 0.15 -17.83 0.28
C ALA A 83 -0.53 -18.13 -1.02
N ILE A 84 0.07 -17.67 -2.12
CA ILE A 84 -0.44 -17.87 -3.49
C ILE A 84 -0.55 -19.36 -3.93
N ILE A 85 0.40 -20.17 -3.45
CA ILE A 85 0.45 -21.61 -3.71
C ILE A 85 -0.81 -22.30 -3.18
N LYS A 86 -1.04 -22.14 -1.88
CA LYS A 86 -2.26 -22.56 -1.23
C LYS A 86 -3.53 -22.27 -2.04
N TYR A 87 -3.71 -21.02 -2.46
CA TYR A 87 -4.93 -20.68 -3.17
C TYR A 87 -5.01 -21.27 -4.59
N GLU A 88 -3.88 -21.35 -5.28
CA GLU A 88 -3.86 -21.92 -6.64
C GLU A 88 -4.01 -23.42 -6.60
N THR A 89 -3.44 -24.02 -5.57
CA THR A 89 -3.65 -25.40 -5.33
C THR A 89 -5.14 -25.69 -5.27
N SER A 90 -5.83 -25.03 -4.33
CA SER A 90 -7.26 -25.25 -4.14
C SER A 90 -8.03 -25.00 -5.40
N GLU A 91 -7.74 -23.93 -6.11
CA GLU A 91 -8.44 -23.62 -7.38
C GLU A 91 -8.20 -24.69 -8.45
N GLY A 92 -7.19 -25.54 -8.24
CA GLY A 92 -6.69 -26.44 -9.27
C GLY A 92 -6.07 -25.70 -10.43
N LYS A 93 -5.58 -24.47 -10.19
CA LYS A 93 -5.19 -23.59 -11.30
C LYS A 93 -4.43 -22.33 -10.85
N LYS A 94 -3.70 -21.74 -11.79
CA LYS A 94 -2.90 -20.59 -11.51
C LYS A 94 -3.72 -19.36 -11.78
N ILE A 95 -3.35 -18.27 -11.13
CA ILE A 95 -4.11 -17.04 -11.24
C ILE A 95 -4.00 -16.40 -12.63
N SER A 96 -5.08 -16.10 -13.29
CA SER A 96 -4.93 -15.33 -14.52
C SER A 96 -4.49 -13.90 -14.14
N SER A 97 -3.27 -13.53 -14.50
CA SER A 97 -2.84 -12.13 -14.49
C SER A 97 -1.63 -11.90 -15.38
N ASP A 98 -1.59 -10.71 -16.01
CA ASP A 98 -0.39 -10.28 -16.72
C ASP A 98 0.72 -9.87 -15.76
N ILE A 99 0.37 -9.32 -14.58
CA ILE A 99 1.34 -8.91 -13.53
C ILE A 99 0.94 -9.36 -12.12
N ILE A 100 1.94 -9.65 -11.30
CA ILE A 100 1.72 -9.91 -9.89
C ILE A 100 2.74 -9.15 -9.04
N THR A 101 2.26 -8.39 -8.05
CA THR A 101 3.12 -7.54 -7.22
C THR A 101 2.34 -6.96 -6.01
N PHE A 102 3.09 -6.38 -5.07
CA PHE A 102 2.49 -5.63 -3.94
C PHE A 102 1.91 -4.29 -4.39
N ARG A 103 0.84 -3.78 -3.78
CA ARG A 103 0.22 -2.57 -4.31
C ARG A 103 0.91 -1.25 -3.99
N GLU A 104 1.79 -1.24 -3.01
CA GLU A 104 2.55 -0.04 -2.72
C GLU A 104 3.42 0.30 -3.92
N ILE A 105 3.92 -0.74 -4.57
CA ILE A 105 4.65 -0.56 -5.80
C ILE A 105 3.81 0.23 -6.81
N MET A 106 2.56 -0.15 -7.05
CA MET A 106 1.75 0.54 -8.06
C MET A 106 1.31 1.93 -7.58
N THR A 107 1.04 2.07 -6.30
CA THR A 107 0.74 3.37 -5.73
C THR A 107 1.81 4.39 -6.07
N LYS A 108 3.07 4.05 -5.86
CA LYS A 108 4.18 4.92 -6.24
C LYS A 108 4.19 5.32 -7.71
N ILE A 109 3.90 4.35 -8.56
CA ILE A 109 3.87 4.60 -9.98
C ILE A 109 2.70 5.48 -10.32
N LEU A 110 1.53 5.13 -9.79
CA LEU A 110 0.32 5.89 -10.10
C LEU A 110 0.42 7.35 -9.58
N SER A 111 1.14 7.54 -8.48
CA SER A 111 1.23 8.86 -7.84
C SER A 111 2.50 9.65 -8.23
N LEU A 112 3.45 8.97 -8.86
CA LEU A 112 4.67 9.64 -9.40
C LEU A 112 4.49 11.06 -10.01
N PRO A 113 3.58 11.25 -10.97
CA PRO A 113 3.40 12.60 -11.62
C PRO A 113 3.35 13.90 -10.73
N TYR A 114 2.86 13.75 -9.50
CA TYR A 114 2.80 14.81 -8.47
C TYR A 114 3.67 14.39 -7.27
N ASN A 115 4.63 13.52 -7.53
CA ASN A 115 5.69 13.19 -6.56
C ASN A 115 7.00 12.91 -7.27
N LEU A 116 7.39 13.92 -8.01
CA LEU A 116 8.42 13.79 -8.99
C LEU A 116 9.81 13.70 -8.39
N THR A 117 9.97 14.05 -7.12
CA THR A 117 11.27 13.93 -6.47
C THR A 117 11.50 12.59 -5.84
N ASP A 118 10.54 11.67 -5.90
CA ASP A 118 10.70 10.40 -5.18
C ASP A 118 11.21 9.34 -6.13
N PRO A 119 12.36 8.72 -5.81
CA PRO A 119 12.84 7.67 -6.72
C PRO A 119 11.88 6.52 -6.76
N ILE A 120 12.07 5.61 -7.68
CA ILE A 120 11.40 4.31 -7.67
C ILE A 120 12.40 3.30 -8.23
N ASP A 121 12.75 2.27 -7.46
CA ASP A 121 13.64 1.24 -7.98
C ASP A 121 13.14 -0.20 -7.75
N LEU A 122 12.73 -0.83 -8.84
CA LEU A 122 12.11 -2.15 -8.77
C LEU A 122 12.72 -3.09 -9.77
N TYR A 123 12.56 -4.36 -9.45
CA TYR A 123 12.88 -5.43 -10.32
C TYR A 123 11.63 -6.00 -11.00
N VAL A 124 11.76 -6.37 -12.27
CA VAL A 124 10.72 -7.03 -13.01
C VAL A 124 11.17 -8.37 -13.55
N VAL A 125 10.30 -9.38 -13.45
CA VAL A 125 10.75 -10.75 -13.67
C VAL A 125 9.72 -11.63 -14.40
N PRO A 126 10.07 -12.06 -15.63
CA PRO A 126 9.24 -12.96 -16.40
C PRO A 126 9.25 -14.36 -15.85
N PHE A 127 8.05 -14.97 -15.81
CA PHE A 127 7.87 -16.32 -15.30
C PHE A 127 6.43 -16.80 -15.57
N ASP A 128 6.31 -18.01 -16.11
CA ASP A 128 5.02 -18.62 -16.34
C ASP A 128 4.00 -17.65 -16.95
N GLY A 129 4.44 -16.83 -17.88
CA GLY A 129 3.50 -16.01 -18.71
C GLY A 129 3.04 -14.73 -18.06
N GLN A 130 3.75 -14.39 -16.98
CA GLN A 130 3.37 -13.29 -16.06
C GLN A 130 4.59 -12.50 -15.57
N LEU A 131 4.38 -11.22 -15.24
CA LEU A 131 5.48 -10.40 -14.66
C LEU A 131 5.40 -10.27 -13.15
N PHE A 132 6.50 -10.57 -12.49
CA PHE A 132 6.55 -10.50 -11.05
C PHE A 132 7.36 -9.28 -10.71
N ILE A 133 6.90 -8.43 -9.78
CA ILE A 133 7.59 -7.14 -9.58
C ILE A 133 7.73 -6.80 -8.14
N LYS A 134 8.98 -6.77 -7.68
CA LYS A 134 9.32 -6.41 -6.32
C LYS A 134 10.22 -5.19 -6.33
N SER A 135 10.45 -4.66 -5.16
CA SER A 135 11.14 -3.41 -5.00
C SER A 135 12.61 -3.68 -4.75
N ASP A 136 13.49 -2.85 -5.32
CA ASP A 136 14.90 -2.92 -4.93
C ASP A 136 14.97 -2.59 -3.48
N ASP A 137 15.11 -3.64 -2.66
CA ASP A 137 15.12 -3.51 -1.21
C ASP A 137 16.39 -2.85 -0.72
N GLU A 138 17.54 -3.36 -1.18
CA GLU A 138 18.85 -2.80 -0.84
C GLU A 138 18.77 -1.30 -0.86
N LEU A 139 18.45 -0.76 -2.04
CA LEU A 139 18.35 0.67 -2.23
C LEU A 139 17.43 1.28 -1.15
N ASP A 140 16.23 0.71 -1.02
CA ASP A 140 15.22 1.26 -0.10
C ASP A 140 15.68 1.43 1.30
N MET A 141 16.30 0.37 1.80
CA MET A 141 16.82 0.34 3.14
C MET A 141 17.91 1.38 3.29
N LYS A 142 18.86 1.40 2.36
CA LYS A 142 19.93 2.38 2.42
C LYS A 142 19.42 3.85 2.42
N ARG A 143 18.31 4.15 1.75
CA ARG A 143 17.69 5.49 1.88
C ARG A 143 17.04 5.71 3.26
N ARG A 144 16.10 4.85 3.63
CA ARG A 144 15.52 4.96 4.96
C ARG A 144 16.62 5.19 6.01
N LYS A 145 17.71 4.44 5.92
CA LYS A 145 18.88 4.59 6.81
C LYS A 145 19.41 6.01 6.76
N GLU A 146 19.72 6.49 5.56
CA GLU A 146 20.36 7.80 5.44
C GLU A 146 19.37 8.96 5.68
N GLN A 147 18.10 8.72 5.39
CA GLN A 147 17.08 9.72 5.67
C GLN A 147 16.95 9.81 7.18
N GLU A 148 16.95 8.66 7.83
CA GLU A 148 16.98 8.61 9.28
C GLU A 148 18.11 9.48 9.87
N VAL A 149 19.34 9.32 9.38
CA VAL A 149 20.45 10.03 10.01
C VAL A 149 20.37 11.54 9.77
N ARG A 150 19.93 11.99 8.59
CA ARG A 150 19.63 13.42 8.34
C ARG A 150 18.67 14.04 9.38
N MET A 151 17.53 13.38 9.54
CA MET A 151 16.44 13.85 10.38
C MET A 151 16.91 13.99 11.81
N LYS A 152 17.85 13.14 12.20
CA LYS A 152 18.42 13.12 13.53
C LYS A 152 19.43 14.25 13.65
N GLN A 153 20.27 14.40 12.62
CA GLN A 153 21.33 15.43 12.64
C GLN A 153 20.88 16.86 12.38
N THR A 154 19.83 17.06 11.62
CA THR A 154 19.38 18.40 11.30
C THR A 154 18.26 18.94 12.20
N ASN A 155 17.84 18.17 13.20
CA ASN A 155 16.79 18.66 14.10
C ASN A 155 17.24 18.64 15.54
N THR A 156 16.56 19.46 16.33
CA THR A 156 16.81 19.44 17.77
C THR A 156 16.34 18.13 18.33
N VAL A 157 16.77 17.80 19.53
CA VAL A 157 16.37 16.50 20.06
C VAL A 157 14.86 16.42 20.30
N GLU A 158 14.25 17.55 20.57
CA GLU A 158 12.84 17.57 20.84
C GLU A 158 12.01 17.47 19.54
N ARG A 159 12.43 18.17 18.50
CA ARG A 159 11.73 18.10 17.24
C ARG A 159 11.79 16.67 16.68
N TYR A 160 12.92 15.99 16.83
CA TYR A 160 13.12 14.59 16.43
C TYR A 160 12.21 13.62 17.20
N ASP A 161 12.21 13.77 18.52
CA ASP A 161 11.31 13.01 19.35
C ASP A 161 9.87 13.26 18.92
N TYR A 162 9.52 14.48 18.51
CA TYR A 162 8.13 14.73 18.19
C TYR A 162 7.75 14.04 16.89
N MET A 163 8.66 14.11 15.93
CA MET A 163 8.51 13.37 14.64
C MET A 163 8.34 11.88 14.87
N LYS A 164 9.15 11.30 15.75
CA LYS A 164 8.96 9.87 16.11
C LYS A 164 7.57 9.61 16.72
N ARG A 165 7.11 10.46 17.62
CA ARG A 165 5.78 10.27 18.17
C ARG A 165 4.66 10.40 17.13
N CYS A 166 4.84 11.29 16.13
CA CYS A 166 3.85 11.42 15.07
C CYS A 166 3.77 10.10 14.31
N GLU A 167 4.90 9.44 14.08
CA GLU A 167 4.90 8.14 13.36
C GLU A 167 4.05 7.13 14.11
N TYR A 168 4.05 7.23 15.44
CA TYR A 168 3.32 6.30 16.33
C TYR A 168 1.80 6.64 16.36
N VAL A 169 1.46 7.92 16.19
CA VAL A 169 0.05 8.34 16.13
C VAL A 169 -0.80 7.51 15.18
N GLY A 170 -0.24 7.16 14.05
CA GLY A 170 -0.93 6.26 13.11
C GLY A 170 -1.34 4.91 13.66
N TYR A 171 -0.42 4.28 14.39
CA TYR A 171 -0.70 2.95 14.97
C TYR A 171 -1.62 3.02 16.16
N LYS A 172 -1.35 3.99 16.99
CA LYS A 172 -2.18 4.22 18.15
C LYS A 172 -3.62 4.53 17.73
N PHE A 173 -3.77 5.31 16.66
CA PHE A 173 -5.10 5.60 16.17
C PHE A 173 -5.80 4.33 15.75
N GLU A 174 -5.14 3.56 14.93
CA GLU A 174 -5.69 2.24 14.55
C GLU A 174 -6.08 1.41 15.78
N THR A 175 -5.27 1.50 16.80
CA THR A 175 -5.55 0.68 17.98
C THR A 175 -6.86 1.17 18.64
N ILE A 176 -7.00 2.46 18.88
CA ILE A 176 -8.18 2.89 19.63
C ILE A 176 -9.46 3.09 18.77
N ALA A 177 -9.33 2.81 17.48
CA ALA A 177 -10.48 2.96 16.55
C ALA A 177 -11.03 1.64 16.09
N THR A 178 -10.32 0.54 16.38
CA THR A 178 -10.80 -0.75 15.93
C THR A 178 -10.99 -1.69 17.11
N ILE A 179 -11.71 -2.77 16.82
CA ILE A 179 -12.02 -3.82 17.75
C ILE A 179 -11.74 -5.08 17.00
N PRO A 180 -11.36 -6.12 17.71
CA PRO A 180 -10.97 -7.35 17.02
C PRO A 180 -12.10 -8.12 16.41
N LYS A 181 -13.31 -7.97 16.91
CA LYS A 181 -14.45 -8.62 16.34
C LYS A 181 -15.52 -7.55 16.17
N PRO A 182 -16.62 -7.87 15.49
CA PRO A 182 -17.65 -6.91 15.47
C PRO A 182 -18.18 -6.57 16.84
N TRP A 183 -18.99 -5.52 16.84
CA TRP A 183 -19.65 -5.00 18.00
C TRP A 183 -20.48 -6.02 18.79
N SER A 184 -21.32 -6.80 18.10
CA SER A 184 -22.09 -7.87 18.76
C SER A 184 -21.24 -8.83 19.59
N GLN A 185 -20.01 -9.07 19.20
CA GLN A 185 -19.21 -10.15 19.80
C GLN A 185 -18.10 -9.69 20.70
N VAL A 186 -18.22 -8.48 21.19
CA VAL A 186 -17.13 -7.88 21.92
C VAL A 186 -17.76 -7.21 23.13
N SER A 187 -17.06 -7.23 24.28
CA SER A 187 -17.65 -6.66 25.51
C SER A 187 -17.44 -5.15 25.64
N ARG A 188 -18.21 -4.53 26.53
CA ARG A 188 -18.13 -3.08 26.76
C ARG A 188 -16.80 -2.67 27.33
N SER A 189 -16.11 -3.59 27.99
CA SER A 189 -14.82 -3.29 28.59
C SER A 189 -13.66 -3.53 27.63
N GLN A 190 -13.79 -4.52 26.73
CA GLN A 190 -12.90 -4.63 25.56
C GLN A 190 -12.92 -3.32 24.77
N ILE A 191 -14.10 -2.71 24.61
CA ILE A 191 -14.22 -1.39 23.98
C ILE A 191 -13.57 -0.26 24.81
N GLU A 192 -14.01 -0.05 26.04
CA GLU A 192 -13.48 1.06 26.85
C GLU A 192 -11.96 0.94 27.21
N ASN A 193 -11.33 -0.22 27.03
CA ASN A 193 -9.92 -0.38 27.45
C ASN A 193 -8.86 -0.42 26.36
N ARG A 194 -9.29 -0.19 25.12
CA ARG A 194 -8.41 0.03 23.98
C ARG A 194 -7.31 1.04 24.21
N ASN A 195 -7.55 2.10 24.99
CA ASN A 195 -6.58 3.20 25.14
C ASN A 195 -5.43 2.84 26.02
N LYS A 196 -5.52 1.67 26.65
CA LYS A 196 -4.47 1.17 27.49
C LYS A 196 -3.70 0.15 26.71
N LYS A 197 -4.33 -0.45 25.71
CA LYS A 197 -3.69 -1.55 25.03
C LYS A 197 -2.34 -1.14 24.41
N VAL A 198 -1.35 -1.99 24.62
CA VAL A 198 -0.01 -1.86 24.05
C VAL A 198 -0.06 -1.92 22.57
N VAL A 199 0.57 -0.94 21.92
CA VAL A 199 0.44 -0.78 20.47
C VAL A 199 1.60 -1.52 19.81
N ASN A 200 1.30 -2.28 18.76
CA ASN A 200 2.32 -2.86 17.92
C ASN A 200 2.05 -2.59 16.48
N ASN A 201 3.09 -2.66 15.64
CA ASN A 201 2.86 -2.73 14.18
C ASN A 201 3.30 -4.04 13.51
N TYR A 202 3.20 -5.13 14.24
CA TYR A 202 3.55 -6.44 13.73
C TYR A 202 2.37 -7.05 12.99
N GLU A 203 1.19 -6.86 13.54
CA GLU A 203 0.04 -7.62 13.09
C GLU A 203 -0.43 -6.99 11.83
N GLN A 204 -0.80 -7.77 10.83
CA GLN A 204 -1.22 -7.25 9.52
C GLN A 204 -2.27 -8.15 8.95
N TYR A 205 -3.26 -7.58 8.29
CA TYR A 205 -4.16 -8.41 7.51
C TYR A 205 -3.90 -8.01 6.09
N LEU A 206 -3.51 -8.99 5.27
CA LEU A 206 -3.20 -8.75 3.86
C LEU A 206 -4.13 -9.43 2.89
N SER A 207 -4.55 -8.68 1.91
CA SER A 207 -5.49 -9.10 0.92
C SER A 207 -4.73 -9.10 -0.42
N VAL A 208 -5.05 -10.07 -1.26
CA VAL A 208 -4.49 -10.20 -2.58
C VAL A 208 -5.70 -10.05 -3.47
N ILE A 209 -5.66 -9.06 -4.34
CA ILE A 209 -6.79 -8.82 -5.20
C ILE A 209 -6.43 -9.02 -6.68
N ARG A 210 -7.43 -9.27 -7.51
CA ARG A 210 -7.19 -9.29 -8.94
C ARG A 210 -7.79 -8.02 -9.44
N THR A 211 -7.05 -7.22 -10.21
CA THR A 211 -7.67 -6.02 -10.84
C THR A 211 -7.12 -5.80 -12.28
N GLY A 212 -7.41 -4.68 -12.90
CA GLY A 212 -6.90 -4.40 -14.23
C GLY A 212 -7.18 -3.01 -14.79
N ILE A 213 -6.43 -2.68 -15.84
CA ILE A 213 -6.46 -1.34 -16.45
C ILE A 213 -6.32 -1.48 -17.99
N GLY A 214 -7.21 -0.84 -18.74
CA GLY A 214 -7.27 -1.05 -20.19
C GLY A 214 -7.51 -2.53 -20.48
N ASN A 215 -6.54 -3.16 -21.15
CA ASN A 215 -6.60 -4.61 -21.43
C ASN A 215 -5.59 -5.46 -20.61
N VAL A 216 -4.95 -4.84 -19.62
CA VAL A 216 -3.94 -5.50 -18.80
C VAL A 216 -4.55 -5.99 -17.47
N LYS A 217 -4.05 -7.11 -16.95
CA LYS A 217 -4.59 -7.74 -15.75
C LYS A 217 -3.52 -7.79 -14.69
N LEU A 218 -3.89 -7.39 -13.47
CA LEU A 218 -2.96 -7.24 -12.34
C LEU A 218 -3.43 -7.96 -11.11
N VAL A 219 -2.48 -8.50 -10.37
CA VAL A 219 -2.73 -8.93 -9.03
C VAL A 219 -1.96 -8.11 -8.02
N LEU A 220 -2.64 -7.64 -6.98
CA LEU A 220 -2.00 -6.78 -5.98
C LEU A 220 -2.15 -7.32 -4.57
N ALA A 221 -1.06 -7.51 -3.87
CA ALA A 221 -1.12 -7.75 -2.48
C ALA A 221 -0.99 -6.41 -1.76
N GLY A 222 -1.91 -6.15 -0.86
CA GLY A 222 -1.74 -5.06 0.09
C GLY A 222 -2.43 -5.18 1.43
N GLU A 223 -1.90 -4.42 2.38
CA GLU A 223 -2.41 -4.37 3.72
C GLU A 223 -3.76 -3.65 3.80
N ILE A 224 -4.66 -4.21 4.60
CA ILE A 224 -6.00 -3.67 4.89
C ILE A 224 -6.13 -3.39 6.37
N ASP A 225 -6.63 -2.22 6.70
CA ASP A 225 -6.58 -1.75 8.07
C ASP A 225 -7.70 -2.36 8.85
N CYS A 226 -8.91 -2.31 8.32
CA CYS A 226 -10.01 -2.93 9.00
C CYS A 226 -11.25 -2.99 8.18
N CYS A 227 -12.22 -3.68 8.72
CA CYS A 227 -13.48 -3.80 8.07
C CYS A 227 -14.46 -2.73 8.59
N TRP A 228 -15.24 -2.12 7.67
CA TRP A 228 -16.15 -1.01 8.06
C TRP A 228 -17.25 -1.43 8.97
N ASP A 229 -17.93 -2.51 8.63
CA ASP A 229 -19.21 -2.86 9.25
C ASP A 229 -19.27 -4.35 9.50
N TYR A 230 -19.23 -5.13 8.43
CA TYR A 230 -19.11 -6.59 8.52
C TYR A 230 -18.46 -7.05 7.21
N LEU A 231 -18.01 -8.29 7.23
CA LEU A 231 -17.29 -8.88 6.14
C LEU A 231 -18.21 -9.86 5.48
N PRO A 232 -18.71 -9.55 4.28
CA PRO A 232 -19.57 -10.55 3.71
C PRO A 232 -18.88 -11.87 3.29
N ASP A 233 -19.61 -12.95 3.40
CA ASP A 233 -19.17 -14.25 2.91
C ASP A 233 -18.98 -14.19 1.42
N GLU A 234 -19.77 -13.37 0.74
CA GLU A 234 -19.78 -13.37 -0.72
C GLU A 234 -18.46 -12.79 -1.28
N GLN A 235 -17.70 -13.57 -2.05
CA GLN A 235 -16.31 -13.20 -2.38
C GLN A 235 -16.18 -11.85 -3.05
N ASN A 236 -17.01 -11.64 -4.04
CA ASN A 236 -16.89 -10.47 -4.88
C ASN A 236 -17.44 -9.20 -4.21
N LYS A 237 -17.66 -9.27 -2.91
CA LYS A 237 -18.27 -8.17 -2.18
C LYS A 237 -17.41 -7.70 -1.07
N LYS A 238 -16.30 -8.40 -0.82
CA LYS A 238 -15.54 -8.15 0.39
C LYS A 238 -14.80 -6.84 0.43
N LEU A 239 -14.18 -6.49 -0.68
CA LEU A 239 -13.45 -5.22 -0.80
C LEU A 239 -14.33 -4.03 -0.47
N ASN A 240 -15.63 -4.14 -0.67
CA ASN A 240 -16.54 -2.98 -0.50
C ASN A 240 -16.69 -2.61 0.91
N HIS A 241 -16.15 -3.45 1.78
CA HIS A 241 -16.32 -3.24 3.19
C HIS A 241 -15.05 -2.97 4.00
N TYR A 242 -13.97 -2.76 3.32
CA TYR A 242 -12.76 -2.40 4.03
C TYR A 242 -12.62 -0.88 4.16
N VAL A 243 -11.87 -0.46 5.18
CA VAL A 243 -11.56 0.94 5.48
C VAL A 243 -10.08 1.11 5.65
N GLU A 244 -9.59 2.23 5.14
CA GLU A 244 -8.25 2.68 5.39
C GLU A 244 -8.30 3.75 6.47
N LEU A 245 -7.30 3.77 7.35
CA LEU A 245 -7.29 4.71 8.50
C LEU A 245 -6.04 5.52 8.42
N LYS A 246 -6.16 6.84 8.54
CA LYS A 246 -4.97 7.69 8.51
C LYS A 246 -5.18 8.77 9.48
N THR A 247 -4.15 9.55 9.72
CA THR A 247 -4.28 10.61 10.64
C THR A 247 -3.52 11.76 10.07
N SER A 248 -3.89 12.96 10.50
CA SER A 248 -3.29 14.17 9.99
C SER A 248 -3.47 15.27 10.98
N ARG A 249 -2.59 16.24 10.91
CA ARG A 249 -2.68 17.42 11.74
C ARG A 249 -3.91 18.19 11.40
N ILE A 250 -4.49 18.85 12.37
CA ILE A 250 -5.59 19.81 12.04
C ILE A 250 -5.09 20.89 11.05
N ILE A 251 -5.99 21.34 10.18
CA ILE A 251 -5.63 22.26 9.10
C ILE A 251 -5.91 23.72 9.51
N GLU A 252 -4.86 24.55 9.40
CA GLU A 252 -4.79 25.88 9.98
C GLU A 252 -4.67 26.90 8.86
N ASN A 253 -3.75 26.65 7.94
CA ASN A 253 -3.56 27.57 6.84
C ASN A 253 -3.59 26.89 5.50
N ASN A 254 -3.53 27.74 4.50
CA ASN A 254 -3.45 27.36 3.10
C ASN A 254 -2.27 26.41 2.79
N SER A 255 -1.14 26.62 3.43
CA SER A 255 -0.01 25.72 3.23
C SER A 255 -0.40 24.25 3.57
N GLN A 256 -1.23 24.11 4.60
CA GLN A 256 -1.65 22.80 5.09
C GLN A 256 -2.78 22.27 4.25
N VAL A 257 -3.54 23.20 3.65
CA VAL A 257 -4.57 22.79 2.74
C VAL A 257 -4.00 22.03 1.59
N VAL A 258 -2.87 22.46 1.05
CA VAL A 258 -2.26 21.73 -0.09
C VAL A 258 -1.50 20.48 0.38
N SER A 259 -0.88 20.58 1.53
CA SER A 259 -0.20 19.46 2.10
C SER A 259 -1.25 18.32 2.27
N PHE A 260 -2.39 18.64 2.90
CA PHE A 260 -3.46 17.69 3.03
C PHE A 260 -3.98 17.20 1.70
N GLU A 261 -4.16 18.10 0.73
CA GLU A 261 -4.56 17.62 -0.59
C GLU A 261 -3.61 16.54 -1.15
N GLN A 262 -2.31 16.72 -0.98
CA GLN A 262 -1.33 15.78 -1.51
C GLN A 262 -1.37 14.43 -0.78
N LYS A 263 -1.50 14.44 0.54
CA LYS A 263 -1.74 13.21 1.32
C LYS A 263 -3.00 12.51 0.83
N LEU A 264 -4.03 13.30 0.53
CA LEU A 264 -5.33 12.73 0.31
C LEU A 264 -5.27 12.09 -1.03
N PHE A 265 -4.49 12.68 -1.91
CA PHE A 265 -4.31 12.10 -3.22
C PHE A 265 -3.54 10.78 -3.08
N LYS A 266 -2.40 10.78 -2.42
CA LYS A 266 -1.68 9.50 -2.19
C LYS A 266 -2.64 8.45 -1.71
N ALA A 267 -3.46 8.79 -0.74
CA ALA A 267 -4.33 7.76 -0.11
C ALA A 267 -5.34 7.32 -1.09
N TRP A 268 -5.87 8.25 -1.90
CA TRP A 268 -6.77 7.85 -2.99
C TRP A 268 -6.06 6.95 -3.99
N CYS A 269 -4.81 7.23 -4.34
CA CYS A 269 -4.02 6.24 -5.11
C CYS A 269 -4.03 4.82 -4.47
N GLN A 270 -3.67 4.75 -3.21
CA GLN A 270 -3.60 3.42 -2.59
C GLN A 270 -4.94 2.70 -2.64
N CYS A 271 -6.01 3.40 -2.30
CA CYS A 271 -7.29 2.76 -2.13
C CYS A 271 -8.00 2.52 -3.41
N PHE A 272 -7.86 3.44 -4.34
CA PHE A 272 -8.36 3.19 -5.68
C PHE A 272 -7.73 1.92 -6.26
N LEU A 273 -6.43 1.77 -6.13
CA LEU A 273 -5.77 0.59 -6.68
C LEU A 273 -6.25 -0.74 -6.08
N MET A 274 -6.64 -0.67 -4.80
CA MET A 274 -7.05 -1.79 -4.00
C MET A 274 -8.56 -2.07 -3.97
N GLY A 275 -9.36 -1.13 -4.45
CA GLY A 275 -10.81 -1.20 -4.31
C GLY A 275 -11.37 -0.84 -2.93
N VAL A 276 -10.58 -0.18 -2.10
CA VAL A 276 -11.05 0.26 -0.80
C VAL A 276 -11.82 1.53 -1.02
N THR A 277 -13.06 1.51 -0.56
CA THR A 277 -14.03 2.50 -0.93
C THR A 277 -14.15 3.53 0.17
N LYS A 278 -13.41 3.36 1.27
CA LYS A 278 -13.54 4.21 2.42
C LYS A 278 -12.21 4.58 3.06
N ILE A 279 -12.02 5.88 3.30
CA ILE A 279 -10.84 6.40 3.95
C ILE A 279 -11.26 7.28 5.12
N ILE A 280 -10.75 6.98 6.33
CA ILE A 280 -11.04 7.74 7.53
C ILE A 280 -9.74 8.43 7.97
N TYR A 281 -9.84 9.69 8.42
CA TYR A 281 -8.72 10.50 8.81
C TYR A 281 -9.09 10.88 10.18
N GLY A 282 -8.13 10.77 11.11
CA GLY A 282 -8.26 11.26 12.45
C GLY A 282 -7.34 12.47 12.51
N PHE A 283 -7.88 13.62 12.89
CA PHE A 283 -7.14 14.87 12.87
C PHE A 283 -6.75 15.12 14.28
N ARG A 284 -5.49 15.39 14.46
CA ARG A 284 -4.99 15.51 15.80
C ARG A 284 -4.21 16.77 15.92
N ASP A 285 -4.26 17.37 17.10
CA ASP A 285 -3.66 18.69 17.32
C ASP A 285 -2.15 18.55 17.57
N ASN A 286 -1.46 19.66 17.87
CA ASN A 286 0.01 19.59 17.99
C ASN A 286 0.50 18.84 19.26
N ASN A 287 -0.38 18.69 20.26
CA ASN A 287 -0.14 17.77 21.38
C ASN A 287 -0.62 16.33 21.13
N LEU A 288 -0.93 16.02 19.87
CA LEU A 288 -1.23 14.68 19.45
C LEU A 288 -2.46 14.13 20.14
N ILE A 289 -3.41 15.02 20.35
CA ILE A 289 -4.74 14.69 20.85
C ILE A 289 -5.73 14.67 19.68
N LEU A 290 -6.52 13.62 19.56
CA LEU A 290 -7.46 13.43 18.46
C LEU A 290 -8.63 14.41 18.59
N LYS A 291 -8.89 15.22 17.55
CA LYS A 291 -9.95 16.25 17.63
C LYS A 291 -11.23 15.91 16.88
N ASN A 292 -11.10 15.28 15.74
CA ASN A 292 -12.27 14.90 14.97
C ASN A 292 -11.81 13.90 13.95
N VAL A 293 -12.78 13.20 13.36
CA VAL A 293 -12.46 12.13 12.51
C VAL A 293 -13.37 12.33 11.37
N GLU A 294 -12.94 12.07 10.13
CA GLU A 294 -13.79 12.35 8.97
C GLU A 294 -13.59 11.23 7.99
N LEU A 295 -14.71 10.74 7.49
CA LEU A 295 -14.74 9.67 6.51
C LEU A 295 -14.83 10.29 5.11
N PHE A 296 -14.01 9.80 4.18
CA PHE A 296 -14.02 10.16 2.73
C PHE A 296 -14.43 8.92 1.97
N ASN A 297 -15.29 9.06 0.97
CA ASN A 297 -15.47 7.94 0.03
C ASN A 297 -14.46 8.10 -1.07
N THR A 298 -13.67 7.05 -1.29
CA THR A 298 -12.66 6.99 -2.32
C THR A 298 -13.17 7.68 -3.66
N GLU A 299 -14.35 7.33 -4.16
CA GLU A 299 -14.72 7.65 -5.52
C GLU A 299 -15.03 9.16 -5.63
N GLU A 300 -15.21 9.81 -4.48
CA GLU A 300 -15.48 11.22 -4.36
C GLU A 300 -14.23 12.05 -4.24
N ILE A 301 -13.13 11.44 -3.83
CA ILE A 301 -11.93 12.17 -3.65
C ILE A 301 -11.49 12.98 -4.90
N PRO A 302 -11.54 12.40 -6.13
CA PRO A 302 -11.16 13.16 -7.36
C PRO A 302 -11.96 14.43 -7.48
N ILE A 303 -13.25 14.34 -7.19
CA ILE A 303 -14.15 15.46 -7.32
C ILE A 303 -13.76 16.56 -6.33
N LEU A 304 -13.34 16.20 -5.12
CA LEU A 304 -12.99 17.17 -4.10
C LEU A 304 -11.70 17.88 -4.41
N ILE A 305 -10.76 17.18 -4.99
CA ILE A 305 -9.48 17.75 -5.40
C ILE A 305 -9.67 18.75 -6.58
N LYS A 306 -10.31 18.29 -7.66
CA LYS A 306 -10.75 19.20 -8.77
C LYS A 306 -11.40 20.48 -8.32
N ASN A 307 -12.35 20.37 -7.40
CA ASN A 307 -13.17 21.53 -7.07
C ASN A 307 -12.77 22.36 -5.88
N ASN A 308 -11.65 22.07 -5.24
CA ASN A 308 -11.13 22.94 -4.20
C ASN A 308 -10.70 24.33 -4.71
N PRO A 309 -11.37 25.39 -4.26
CA PRO A 309 -10.93 26.71 -4.75
C PRO A 309 -9.56 27.06 -4.23
N LEU A 310 -9.27 26.70 -2.99
CA LEU A 310 -7.95 27.00 -2.44
C LEU A 310 -6.79 26.42 -3.19
N THR A 311 -6.97 25.41 -4.03
CA THR A 311 -5.80 24.72 -4.62
C THR A 311 -5.75 24.67 -6.13
N ASN A 312 -6.66 25.38 -6.80
CA ASN A 312 -6.48 25.75 -8.22
C ASN A 312 -5.02 26.19 -8.37
N ALA A 313 -4.28 25.51 -9.24
CA ALA A 313 -2.85 25.80 -9.50
C ALA A 313 -2.54 25.54 -10.99
N ALA A 314 -1.27 25.33 -11.35
CA ALA A 314 -0.86 25.13 -12.76
C ALA A 314 -1.11 23.71 -13.27
N THR A 315 -1.81 23.56 -14.41
CA THR A 315 -2.20 22.23 -14.98
C THR A 315 -1.15 21.11 -14.78
N GLU A 316 0.12 21.43 -14.96
CA GLU A 316 1.20 20.46 -14.80
C GLU A 316 1.52 20.18 -13.32
N LYS A 317 1.22 21.12 -12.44
CA LYS A 317 1.41 20.97 -10.99
C LYS A 317 0.13 20.58 -10.22
N LYS A 318 -1.06 20.89 -10.75
CA LYS A 318 -2.32 20.57 -10.09
C LYS A 318 -2.57 19.09 -10.09
N ILE A 319 -2.94 18.57 -8.95
CA ILE A 319 -3.28 17.16 -8.92
C ILE A 319 -4.59 16.95 -9.70
N ASN A 320 -4.51 16.17 -10.74
CA ASN A 320 -5.63 15.62 -11.35
C ASN A 320 -5.53 14.10 -11.37
N CYS A 321 -6.52 13.43 -10.80
CA CYS A 321 -6.47 11.94 -10.61
C CYS A 321 -6.63 11.14 -11.90
N THR A 322 -7.54 11.56 -12.78
CA THR A 322 -7.65 11.00 -14.12
C THR A 322 -6.32 11.03 -14.85
N ASN A 323 -5.69 12.21 -14.88
CA ASN A 323 -4.44 12.39 -15.60
C ASN A 323 -3.41 11.42 -15.07
N ALA A 324 -3.41 11.14 -13.77
CA ALA A 324 -2.44 10.15 -13.18
C ALA A 324 -2.74 8.74 -13.63
N LEU A 325 -4.03 8.50 -13.76
CA LEU A 325 -4.56 7.23 -14.20
C LEU A 325 -4.13 7.00 -15.64
N LYS A 326 -4.40 7.99 -16.48
CA LYS A 326 -3.95 7.90 -17.85
C LYS A 326 -2.45 7.67 -17.86
N TRP A 327 -1.70 8.25 -16.92
CA TRP A 327 -0.27 7.96 -16.87
C TRP A 327 -0.06 6.52 -16.49
N TYR A 328 -0.72 6.08 -15.42
CA TYR A 328 -0.59 4.72 -14.91
C TYR A 328 -0.80 3.66 -15.99
N GLY A 329 -1.92 3.77 -16.68
CA GLY A 329 -2.26 2.89 -17.79
C GLY A 329 -1.22 2.93 -18.87
N ALA A 330 -0.71 4.12 -19.22
CA ALA A 330 0.39 4.23 -20.20
C ALA A 330 1.59 3.49 -19.65
N VAL A 331 1.84 3.54 -18.35
CA VAL A 331 2.95 2.71 -17.78
C VAL A 331 2.71 1.26 -17.99
N VAL A 332 1.61 0.71 -17.46
CA VAL A 332 1.45 -0.78 -17.38
C VAL A 332 1.37 -1.42 -18.79
N ASP A 333 0.69 -0.74 -19.71
CA ASP A 333 0.68 -1.11 -21.13
C ASP A 333 2.06 -1.17 -21.78
N TRP A 334 2.96 -0.26 -21.37
CA TRP A 334 4.38 -0.29 -21.71
C TRP A 334 5.07 -1.52 -21.14
N LEU A 335 4.81 -1.85 -19.89
CA LEU A 335 5.39 -3.06 -19.30
C LEU A 335 4.84 -4.30 -19.98
N ASN A 336 3.62 -4.16 -20.50
CA ASN A 336 2.87 -5.27 -21.00
C ASN A 336 3.14 -5.46 -22.50
N THR A 337 3.75 -4.50 -23.15
CA THR A 337 4.06 -4.63 -24.55
C THR A 337 5.57 -4.74 -24.79
N THR A 338 6.40 -4.58 -23.74
CA THR A 338 7.85 -4.42 -23.86
C THR A 338 8.65 -5.66 -23.47
N VAL A 339 8.08 -6.44 -22.61
CA VAL A 339 8.79 -7.58 -22.13
C VAL A 339 8.07 -8.76 -22.70
N ASP A 340 8.77 -9.54 -23.51
CA ASP A 340 8.37 -10.92 -23.79
C ASP A 340 8.26 -11.67 -22.43
N LYS A 341 7.01 -11.94 -22.03
CA LYS A 341 6.74 -12.56 -20.73
C LYS A 341 7.25 -14.00 -20.74
N LYS A 342 7.26 -14.57 -21.94
CA LYS A 342 7.70 -15.95 -22.24
C LYS A 342 9.19 -16.18 -22.12
N ASP A 343 9.96 -15.14 -22.38
CA ASP A 343 11.41 -15.25 -22.30
C ASP A 343 11.84 -15.18 -20.83
N GLU A 344 12.17 -16.33 -20.24
CA GLU A 344 12.37 -16.39 -18.78
C GLU A 344 13.79 -16.55 -18.47
N ILE A 345 14.63 -15.92 -19.26
CA ILE A 345 16.05 -16.06 -18.98
C ILE A 345 16.66 -14.77 -18.42
N LYS A 346 16.06 -13.63 -18.75
CA LYS A 346 16.51 -12.36 -18.20
C LYS A 346 15.37 -11.58 -17.50
N SER A 347 15.82 -10.65 -16.66
CA SER A 347 15.01 -9.81 -15.78
C SER A 347 15.22 -8.35 -16.19
N TYR A 348 14.55 -7.44 -15.50
CA TYR A 348 14.73 -6.06 -15.79
C TYR A 348 14.73 -5.19 -14.53
N ARG A 349 14.97 -3.90 -14.77
CA ARG A 349 14.95 -2.90 -13.72
C ARG A 349 14.07 -1.77 -14.14
N LEU A 350 13.09 -1.51 -13.29
CA LEU A 350 12.32 -0.31 -13.41
C LEU A 350 12.97 0.67 -12.46
N LYS A 351 13.35 1.79 -13.07
CA LYS A 351 13.93 2.93 -12.42
C LYS A 351 13.14 4.13 -12.87
N TYR A 352 12.75 4.95 -11.90
CA TYR A 352 12.41 6.31 -12.18
C TYR A 352 13.52 7.07 -11.52
N ASP A 353 14.27 7.86 -12.32
CA ASP A 353 15.40 8.69 -11.82
C ASP A 353 14.99 10.12 -11.69
N PRO A 354 14.78 10.58 -10.44
CA PRO A 354 14.20 11.96 -10.36
C PRO A 354 15.12 13.06 -10.92
N VAL A 355 16.42 12.95 -10.66
CA VAL A 355 17.37 13.91 -11.18
C VAL A 355 17.39 13.94 -12.70
N ARG A 356 17.35 12.77 -13.33
CA ARG A 356 17.50 12.70 -14.77
C ARG A 356 16.20 12.67 -15.53
N LYS A 357 15.08 12.93 -14.84
CA LYS A 357 13.71 12.75 -15.37
C LYS A 357 13.59 11.57 -16.33
N SER A 358 14.05 10.41 -15.90
CA SER A 358 14.07 9.21 -16.73
C SER A 358 13.23 8.09 -16.13
N PHE A 359 12.45 7.43 -16.98
CA PHE A 359 11.66 6.27 -16.58
C PHE A 359 12.09 5.06 -17.41
N THR A 360 12.99 4.24 -16.88
CA THR A 360 13.81 3.40 -17.73
C THR A 360 13.55 1.92 -17.49
N LEU A 361 13.37 1.17 -18.57
CA LEU A 361 13.40 -0.26 -18.47
C LEU A 361 14.66 -0.71 -19.15
N SER A 362 15.45 -1.47 -18.41
CA SER A 362 16.75 -1.90 -18.86
C SER A 362 17.01 -3.29 -18.30
N GLU A 363 17.49 -4.21 -19.13
CA GLU A 363 17.91 -5.55 -18.68
C GLU A 363 18.90 -5.54 -17.49
N THR A 364 18.73 -6.47 -16.55
CA THR A 364 19.56 -6.50 -15.34
C THR A 364 20.75 -7.29 -15.65
N ASP A 365 21.67 -7.36 -14.66
CA ASP A 365 22.80 -8.28 -14.73
C ASP A 365 22.31 -9.70 -14.70
N SER A 366 23.26 -10.59 -14.92
CA SER A 366 23.02 -11.99 -14.99
C SER A 366 23.00 -12.61 -13.57
N GLU A 367 23.84 -12.19 -12.64
CA GLU A 367 23.69 -12.71 -11.27
C GLU A 367 22.35 -12.18 -10.77
N THR A 368 22.11 -10.89 -11.01
CA THR A 368 20.82 -10.25 -10.64
C THR A 368 19.67 -11.20 -11.01
N ASN A 369 19.49 -11.42 -12.31
CA ASN A 369 18.42 -12.26 -12.83
C ASN A 369 18.43 -13.65 -12.18
N GLU A 370 19.59 -14.10 -11.71
CA GLU A 370 19.68 -15.38 -11.02
C GLU A 370 19.05 -15.35 -9.60
N LYS A 371 19.38 -14.36 -8.81
CA LYS A 371 19.11 -14.46 -7.36
C LYS A 371 17.63 -14.21 -7.10
N LEU A 372 17.07 -13.28 -7.87
CA LEU A 372 15.63 -13.13 -8.03
C LEU A 372 14.89 -14.44 -8.38
N ARG A 373 15.49 -15.27 -9.25
CA ARG A 373 14.84 -16.50 -9.67
C ARG A 373 15.07 -17.61 -8.65
N ASN A 374 16.08 -17.41 -7.80
CA ASN A 374 16.47 -18.37 -6.78
C ASN A 374 16.45 -17.89 -5.35
N GLY A 375 15.36 -17.23 -4.95
CA GLY A 375 15.10 -17.02 -3.53
C GLY A 375 14.82 -15.59 -3.16
N GLN A 376 15.19 -14.65 -4.01
CA GLN A 376 15.05 -13.26 -3.64
C GLN A 376 13.63 -12.75 -3.92
N LEU A 377 13.11 -13.04 -5.12
CA LEU A 377 11.70 -12.97 -5.40
C LEU A 377 11.18 -14.44 -5.38
N LEU A 378 11.35 -15.18 -6.50
CA LEU A 378 10.76 -16.51 -6.69
C LEU A 378 11.42 -17.49 -5.73
N THR A 379 10.64 -18.42 -5.19
CA THR A 379 11.13 -19.40 -4.23
C THR A 379 11.21 -20.78 -4.86
N PRO A 380 12.02 -21.67 -4.28
CA PRO A 380 12.03 -23.02 -4.82
C PRO A 380 10.60 -23.60 -4.94
N GLU A 381 9.79 -23.41 -3.90
CA GLU A 381 8.46 -24.04 -3.82
C GLU A 381 7.52 -23.50 -4.85
N PHE A 382 7.57 -22.19 -5.05
CA PHE A 382 6.66 -21.60 -6.01
C PHE A 382 7.02 -22.00 -7.43
N THR A 383 8.31 -21.90 -7.76
CA THR A 383 8.83 -22.29 -9.08
C THR A 383 8.37 -23.73 -9.42
N GLU A 384 8.77 -24.66 -8.56
CA GLU A 384 8.31 -26.03 -8.56
C GLU A 384 6.77 -26.11 -8.72
N TRP A 385 6.05 -25.66 -7.71
CA TRP A 385 4.60 -25.73 -7.80
C TRP A 385 4.10 -25.27 -9.18
N ARG A 386 4.67 -24.22 -9.75
CA ARG A 386 4.07 -23.63 -10.96
C ARG A 386 4.29 -24.49 -12.22
N GLN A 387 5.40 -25.22 -12.26
CA GLN A 387 5.73 -26.04 -13.41
C GLN A 387 4.86 -27.29 -13.43
N SER A 388 4.69 -27.88 -12.25
CA SER A 388 3.90 -29.13 -12.09
C SER A 388 2.45 -29.01 -12.56
N LEU A 389 2.03 -27.87 -13.06
CA LEU A 389 0.66 -27.68 -13.49
C LEU A 389 0.52 -27.98 -14.96
N LYS A 390 1.66 -28.21 -15.61
CA LYS A 390 1.59 -28.63 -17.01
C LYS A 390 1.98 -30.10 -17.12
N LYS A 391 3.04 -30.50 -16.42
CA LYS A 391 3.34 -31.92 -16.19
C LYS A 391 2.05 -32.72 -15.97
#